data_4ZPA
#
_entry.id   4ZPA
#
_cell.length_a   73.937
_cell.length_b   73.937
_cell.length_c   287.811
_cell.angle_alpha   90.00
_cell.angle_beta   90.00
_cell.angle_gamma   90.00
#
_symmetry.space_group_name_H-M   'P 43 21 2'
#
loop_
_entity.id
_entity.type
_entity.pdbx_description
1 polymer 'RNA-directed RNA polymerase'
2 non-polymer 'SULFATE ION'
3 water water
#
_entity_poly.entity_id   1
_entity_poly.type   'polypeptide(L)'
_entity_poly.pdbx_seq_one_letter_code
;GEIEFIESSKDAGFPVINTPSKTKLEPSVFHQVFEGNKEPAVLRSGDPRLKANFEEAIFSKYIGNVNTHVDEYMLEAVDH
YAGQLATLDISTEPMKLEDAVYGTEGLEALDLTTSAGYPYVALGIKKRDILSKKTKDLTKLKECMDKYGLNLPMVTYVKD
ELRSIEKVAKGKSRLIEASSLNDSVAMRQTFGNLYKTFHLNPGVVTGSAVGCDPDLFWSKIPVMLDGHLIAFDYSGYDAS
LSPVWFACLKMILEKLGYTHKETNYIDYLCNSHHLYRDKHYFVRGGMPSGCSGTSIFNSMINNIIIRTLMLKVYKGIDLD
QFRMIAYGDDVIASYPWPIDASLLAEAGKGYGLIMTPADKGECYNEVTWTNVTFLKRYFRADEQYPFLVHPVMPMKDIHE
SIRWTKDPKNTQDHVRSLCLLAWHNGEHEYEEFIRKIRSVPVGRCLTLPAFSTLRRKWLDSF
;
_entity_poly.pdbx_strand_id   A
#
loop_
_chem_comp.id
_chem_comp.type
_chem_comp.name
_chem_comp.formula
SO4 non-polymer 'SULFATE ION' 'O4 S -2'
#
# COMPACT_ATOMS: atom_id res chain seq x y z
N GLY A 1 8.94 -14.74 -0.75
CA GLY A 1 9.21 -14.57 -2.16
C GLY A 1 10.66 -14.88 -2.46
N GLU A 2 10.94 -15.36 -3.68
CA GLU A 2 12.26 -15.83 -4.04
C GLU A 2 12.53 -15.56 -5.52
N ILE A 3 13.71 -15.01 -5.81
CA ILE A 3 14.16 -14.82 -7.19
C ILE A 3 14.74 -16.15 -7.67
N GLU A 4 14.03 -16.84 -8.57
CA GLU A 4 14.48 -18.17 -8.96
C GLU A 4 15.55 -18.12 -10.05
N PHE A 5 15.55 -17.08 -10.87
CA PHE A 5 16.40 -17.01 -12.06
C PHE A 5 16.68 -15.54 -12.34
N ILE A 6 17.93 -15.22 -12.68
CA ILE A 6 18.24 -13.86 -13.15
C ILE A 6 19.34 -13.88 -14.19
N GLU A 7 19.07 -13.21 -15.33
CA GLU A 7 19.93 -13.14 -16.51
C GLU A 7 19.97 -11.70 -17.02
N SER A 8 20.92 -11.44 -17.90
CA SER A 8 20.98 -10.17 -18.60
C SER A 8 19.85 -10.12 -19.62
N SER A 9 19.11 -9.01 -19.65
CA SER A 9 17.98 -8.89 -20.55
C SER A 9 18.33 -9.21 -22.01
N LYS A 10 19.52 -8.83 -22.47
CA LYS A 10 19.84 -8.99 -23.89
C LYS A 10 19.87 -10.45 -24.30
N ASP A 11 20.20 -11.35 -23.37
CA ASP A 11 20.20 -12.77 -23.68
C ASP A 11 18.81 -13.30 -24.03
N ALA A 12 17.76 -12.56 -23.69
CA ALA A 12 16.40 -12.97 -23.99
C ALA A 12 15.71 -12.08 -25.02
N GLY A 13 16.46 -11.25 -25.73
CA GLY A 13 15.85 -10.31 -26.65
C GLY A 13 15.20 -9.09 -26.03
N PHE A 14 15.18 -8.95 -24.69
CA PHE A 14 14.55 -7.79 -24.03
C PHE A 14 15.45 -6.56 -24.14
N PRO A 15 14.90 -5.41 -24.52
CA PRO A 15 15.68 -4.18 -24.46
C PRO A 15 15.90 -3.75 -23.02
N VAL A 16 16.95 -2.97 -22.80
CA VAL A 16 17.19 -2.35 -21.51
C VAL A 16 16.11 -1.33 -21.24
N ILE A 17 15.50 -1.39 -20.06
CA ILE A 17 14.54 -0.37 -19.65
C ILE A 17 15.32 0.83 -19.12
N ASN A 18 15.20 1.99 -19.79
CA ASN A 18 15.89 3.17 -19.28
C ASN A 18 15.07 3.76 -18.15
N THR A 19 15.64 3.78 -16.95
CA THR A 19 14.91 4.10 -15.74
C THR A 19 15.65 5.24 -15.02
N PRO A 20 14.89 6.16 -14.31
CA PRO A 20 15.52 7.38 -13.73
C PRO A 20 16.92 7.28 -13.15
N SER A 21 17.77 8.20 -13.59
CA SER A 21 19.11 8.34 -13.05
C SER A 21 19.09 8.92 -11.64
N LYS A 22 18.85 10.23 -11.53
CA LYS A 22 18.74 10.89 -10.24
C LYS A 22 17.28 11.05 -9.81
N THR A 23 17.11 11.41 -8.54
CA THR A 23 15.80 11.65 -7.97
C THR A 23 15.18 12.95 -8.50
N LYS A 24 13.87 12.92 -8.73
CA LYS A 24 13.11 14.14 -8.92
C LYS A 24 13.01 14.98 -7.65
N LEU A 25 13.44 14.47 -6.49
CA LEU A 25 13.30 15.17 -5.22
C LEU A 25 14.40 16.21 -5.05
N GLU A 26 14.00 17.44 -4.80
CA GLU A 26 14.89 18.57 -4.61
C GLU A 26 14.53 19.30 -3.32
N PRO A 27 15.50 19.89 -2.64
CA PRO A 27 15.18 20.71 -1.46
C PRO A 27 14.24 21.85 -1.82
N SER A 28 13.14 21.98 -1.08
CA SER A 28 12.16 23.03 -1.31
C SER A 28 12.61 24.33 -0.63
N VAL A 29 11.88 25.42 -0.88
CA VAL A 29 12.18 26.68 -0.22
C VAL A 29 11.98 26.60 1.29
N PHE A 30 11.33 25.55 1.78
CA PHE A 30 11.13 25.36 3.20
C PHE A 30 12.18 24.44 3.81
N HIS A 31 13.19 24.05 3.02
CA HIS A 31 14.21 23.13 3.52
C HIS A 31 14.91 23.69 4.75
N GLN A 32 15.19 24.99 4.76
CA GLN A 32 15.95 25.58 5.85
C GLN A 32 15.06 26.03 7.00
N VAL A 33 13.76 26.16 6.75
CA VAL A 33 12.81 26.65 7.77
C VAL A 33 12.46 25.56 8.78
N PHE A 34 12.30 24.32 8.32
CA PHE A 34 11.92 23.21 9.18
C PHE A 34 13.07 22.23 9.35
N GLU A 35 13.07 21.54 10.49
CA GLU A 35 14.07 20.51 10.78
C GLU A 35 13.68 19.18 10.12
N GLY A 36 14.68 18.39 9.76
CA GLY A 36 14.42 17.12 9.09
C GLY A 36 15.68 16.35 8.84
N ASN A 37 15.52 15.02 8.73
CA ASN A 37 16.62 14.09 8.54
C ASN A 37 16.49 13.22 7.31
N LYS A 38 15.35 13.19 6.65
CA LYS A 38 15.21 12.26 5.55
C LYS A 38 15.76 12.85 4.24
N GLU A 39 16.18 11.95 3.36
CA GLU A 39 16.76 12.29 2.07
C GLU A 39 16.17 11.37 1.02
N PRO A 40 16.27 11.73 -0.26
CA PRO A 40 15.76 10.84 -1.31
C PRO A 40 16.42 9.47 -1.24
N ALA A 41 15.63 8.44 -1.53
CA ALA A 41 16.18 7.09 -1.56
C ALA A 41 17.28 6.99 -2.61
N VAL A 42 18.22 6.07 -2.37
CA VAL A 42 19.22 5.72 -3.38
C VAL A 42 18.50 5.16 -4.61
N LEU A 43 18.86 5.67 -5.79
CA LEU A 43 18.35 5.12 -7.05
C LEU A 43 19.45 4.59 -7.95
N ARG A 44 20.72 4.91 -7.65
CA ARG A 44 21.86 4.55 -8.48
C ARG A 44 22.91 3.80 -7.68
N SER A 45 23.54 2.80 -8.31
CA SER A 45 24.56 1.99 -7.65
C SER A 45 25.74 2.83 -7.14
N GLY A 46 26.05 3.92 -7.82
CA GLY A 46 27.20 4.70 -7.46
C GLY A 46 26.94 5.76 -6.41
N ASP A 47 25.76 5.79 -5.84
CA ASP A 47 25.40 6.82 -4.89
C ASP A 47 26.48 6.91 -3.82
N PRO A 48 27.11 8.07 -3.63
CA PRO A 48 28.18 8.19 -2.64
C PRO A 48 27.72 7.98 -1.21
N ARG A 49 26.41 8.13 -0.95
CA ARG A 49 25.86 7.91 0.39
C ARG A 49 25.70 6.44 0.71
N LEU A 50 25.81 5.57 -0.30
CA LEU A 50 25.62 4.14 -0.08
C LEU A 50 26.71 3.62 0.83
N LYS A 51 26.33 2.88 1.86
CA LYS A 51 27.31 2.16 2.68
C LYS A 51 27.07 0.66 2.57
N ALA A 52 26.47 0.25 1.45
CA ALA A 52 26.16 -1.14 1.18
C ALA A 52 26.08 -1.29 -0.34
N ASN A 53 25.88 -2.53 -0.78
CA ASN A 53 25.80 -2.83 -2.21
C ASN A 53 24.34 -2.65 -2.65
N PHE A 54 24.12 -1.78 -3.64
CA PHE A 54 22.76 -1.32 -3.91
C PHE A 54 21.87 -2.45 -4.43
N GLU A 55 22.27 -3.12 -5.52
CA GLU A 55 21.40 -4.13 -6.11
C GLU A 55 21.13 -5.27 -5.13
N GLU A 56 22.16 -5.70 -4.40
CA GLU A 56 21.97 -6.71 -3.37
C GLU A 56 20.94 -6.26 -2.35
N ALA A 57 20.90 -4.96 -2.04
CA ALA A 57 20.03 -4.45 -1.00
C ALA A 57 18.58 -4.43 -1.45
N ILE A 58 18.32 -3.89 -2.65
CA ILE A 58 16.94 -3.71 -3.08
C ILE A 58 16.24 -5.06 -3.26
N PHE A 59 17.00 -6.13 -3.53
CA PHE A 59 16.42 -7.46 -3.71
C PHE A 59 16.49 -8.31 -2.45
N SER A 60 17.03 -7.79 -1.35
CA SER A 60 17.10 -8.57 -0.12
C SER A 60 15.75 -8.78 0.53
N LYS A 61 14.70 -8.10 0.05
CA LYS A 61 13.36 -8.34 0.56
C LYS A 61 12.88 -9.75 0.23
N TYR A 62 13.42 -10.35 -0.83
CA TYR A 62 13.01 -11.69 -1.23
C TYR A 62 13.76 -12.71 -0.37
N ILE A 63 13.34 -12.79 0.91
CA ILE A 63 14.00 -13.62 1.90
C ILE A 63 13.72 -15.10 1.74
N GLY A 64 12.80 -15.45 0.87
CA GLY A 64 12.57 -16.84 0.52
C GLY A 64 11.12 -17.26 0.72
N ASN A 65 10.88 -18.52 0.43
CA ASN A 65 9.58 -19.12 0.58
C ASN A 65 9.70 -20.26 1.58
N VAL A 66 8.67 -20.42 2.40
CA VAL A 66 8.47 -21.65 3.17
C VAL A 66 7.50 -22.49 2.34
N ASN A 67 7.93 -23.68 1.95
CA ASN A 67 7.16 -24.50 1.03
C ASN A 67 6.34 -25.48 1.85
N THR A 68 5.03 -25.23 1.89
CA THR A 68 4.09 -25.96 2.72
C THR A 68 2.78 -26.05 1.96
N HIS A 69 1.96 -27.02 2.34
CA HIS A 69 0.60 -27.08 1.87
C HIS A 69 -0.28 -26.16 2.74
N VAL A 70 -1.49 -25.90 2.24
CA VAL A 70 -2.49 -25.16 3.01
C VAL A 70 -2.96 -26.05 4.16
N ASP A 71 -2.74 -25.59 5.39
CA ASP A 71 -2.91 -26.48 6.53
C ASP A 71 -4.26 -26.29 7.21
N GLU A 72 -4.45 -27.05 8.29
CA GLU A 72 -5.61 -26.93 9.16
C GLU A 72 -5.98 -25.47 9.38
N TYR A 73 -5.08 -24.73 10.01
CA TYR A 73 -5.41 -23.40 10.49
C TYR A 73 -5.80 -22.48 9.34
N MET A 74 -5.11 -22.59 8.19
CA MET A 74 -5.39 -21.71 7.06
C MET A 74 -6.80 -21.93 6.53
N LEU A 75 -7.25 -23.18 6.51
CA LEU A 75 -8.59 -23.49 6.02
C LEU A 75 -9.66 -22.85 6.90
N GLU A 76 -9.58 -23.06 8.22
CA GLU A 76 -10.55 -22.42 9.11
C GLU A 76 -10.48 -20.90 8.99
N ALA A 77 -9.28 -20.33 8.83
CA ALA A 77 -9.15 -18.89 8.64
C ALA A 77 -9.74 -18.42 7.31
N VAL A 78 -9.57 -19.21 6.25
CA VAL A 78 -10.20 -18.87 4.97
C VAL A 78 -11.71 -18.95 5.06
N ASP A 79 -12.24 -19.93 5.81
CA ASP A 79 -13.68 -20.10 5.93
C ASP A 79 -14.30 -18.94 6.70
N HIS A 80 -13.72 -18.61 7.84
CA HIS A 80 -14.25 -17.54 8.67
C HIS A 80 -14.23 -16.20 7.95
N TYR A 81 -13.07 -15.86 7.36
CA TYR A 81 -12.96 -14.58 6.64
C TYR A 81 -13.87 -14.59 5.42
N ALA A 82 -13.96 -15.73 4.71
CA ALA A 82 -14.87 -15.83 3.57
C ALA A 82 -16.29 -15.46 3.98
N GLY A 83 -16.75 -16.03 5.10
CA GLY A 83 -18.11 -15.78 5.53
C GLY A 83 -18.39 -14.33 5.83
N GLN A 84 -17.39 -13.62 6.36
CA GLN A 84 -17.51 -12.16 6.47
C GLN A 84 -17.74 -11.51 5.10
N LEU A 85 -16.92 -11.88 4.11
CA LEU A 85 -17.03 -11.26 2.80
C LEU A 85 -18.27 -11.73 2.06
N ALA A 86 -18.87 -12.85 2.49
CA ALA A 86 -20.12 -13.29 1.88
C ALA A 86 -21.24 -12.29 2.11
N THR A 87 -21.22 -11.58 3.24
CA THR A 87 -22.32 -10.68 3.53
C THR A 87 -22.29 -9.45 2.64
N LEU A 88 -21.18 -9.19 1.95
CA LEU A 88 -21.07 -7.98 1.13
C LEU A 88 -21.72 -8.14 -0.24
N ASP A 89 -21.90 -9.37 -0.72
CA ASP A 89 -22.49 -9.66 -2.03
C ASP A 89 -21.65 -9.05 -3.16
N ILE A 90 -20.39 -9.48 -3.21
CA ILE A 90 -19.44 -9.01 -4.21
C ILE A 90 -19.74 -9.71 -5.53
N SER A 91 -20.07 -8.95 -6.57
CA SER A 91 -20.32 -9.54 -7.89
C SER A 91 -19.02 -10.04 -8.51
N THR A 92 -19.00 -11.31 -8.89
CA THR A 92 -17.86 -11.86 -9.60
C THR A 92 -17.95 -11.60 -11.09
N GLU A 93 -18.98 -10.87 -11.52
CA GLU A 93 -19.14 -10.56 -12.94
C GLU A 93 -18.08 -9.54 -13.36
N PRO A 94 -17.50 -9.71 -14.54
CA PRO A 94 -16.54 -8.73 -15.05
C PRO A 94 -17.12 -7.33 -15.00
N MET A 95 -16.28 -6.37 -14.62
CA MET A 95 -16.63 -4.97 -14.76
C MET A 95 -16.53 -4.59 -16.23
N LYS A 96 -17.53 -3.85 -16.73
CA LYS A 96 -17.46 -3.49 -18.15
C LYS A 96 -16.35 -2.48 -18.37
N LEU A 97 -15.69 -2.62 -19.52
CA LEU A 97 -14.34 -2.10 -19.70
C LEU A 97 -14.27 -0.60 -19.54
N GLU A 98 -15.30 0.13 -19.99
CA GLU A 98 -15.25 1.59 -19.85
C GLU A 98 -15.32 2.02 -18.39
N ASP A 99 -16.03 1.24 -17.56
CA ASP A 99 -15.99 1.48 -16.11
C ASP A 99 -14.59 1.21 -15.55
N ALA A 100 -14.05 0.03 -15.83
CA ALA A 100 -12.76 -0.40 -15.31
C ALA A 100 -11.64 0.56 -15.66
N VAL A 101 -11.69 1.15 -16.85
CA VAL A 101 -10.62 2.02 -17.33
C VAL A 101 -10.86 3.47 -16.98
N TYR A 102 -12.05 4.02 -17.25
CA TYR A 102 -12.26 5.46 -17.15
C TYR A 102 -13.00 5.90 -15.89
N GLY A 103 -13.24 5.00 -14.95
CA GLY A 103 -13.72 5.44 -13.65
C GLY A 103 -15.17 5.03 -13.39
N THR A 104 -15.52 4.95 -12.11
CA THR A 104 -16.86 4.66 -11.64
C THR A 104 -16.82 4.69 -10.11
N GLU A 105 -18.02 4.73 -9.51
CA GLU A 105 -18.12 4.80 -8.05
C GLU A 105 -17.43 3.60 -7.41
N GLY A 106 -16.46 3.88 -6.54
CA GLY A 106 -15.70 2.86 -5.88
C GLY A 106 -14.44 2.40 -6.61
N LEU A 107 -14.16 2.96 -7.79
CA LEU A 107 -12.95 2.59 -8.52
C LEU A 107 -12.57 3.75 -9.42
N GLU A 108 -11.57 4.52 -8.99
CA GLU A 108 -11.05 5.63 -9.76
C GLU A 108 -10.53 5.16 -11.12
N ALA A 109 -10.54 6.09 -12.06
CA ALA A 109 -10.05 5.80 -13.39
C ALA A 109 -8.59 5.38 -13.35
N LEU A 110 -8.26 4.37 -14.16
CA LEU A 110 -6.87 3.98 -14.36
C LEU A 110 -5.95 5.19 -14.49
N ASP A 111 -4.88 5.21 -13.69
CA ASP A 111 -4.00 6.37 -13.62
C ASP A 111 -3.26 6.57 -14.94
N LEU A 112 -3.54 7.70 -15.62
CA LEU A 112 -2.91 7.96 -16.91
C LEU A 112 -1.50 8.52 -16.78
N THR A 113 -0.99 8.70 -15.55
CA THR A 113 0.34 9.29 -15.31
C THR A 113 1.43 8.25 -15.13
N THR A 114 1.08 7.05 -14.67
CA THR A 114 2.06 6.03 -14.33
C THR A 114 2.49 5.28 -15.59
N SER A 115 3.47 4.39 -15.42
CA SER A 115 4.05 3.67 -16.53
C SER A 115 3.03 2.74 -17.17
N ALA A 116 3.13 2.59 -18.50
CA ALA A 116 2.29 1.65 -19.23
C ALA A 116 2.85 0.23 -19.22
N GLY A 117 4.05 0.05 -18.67
CA GLY A 117 4.64 -1.27 -18.56
C GLY A 117 5.17 -1.76 -19.89
N TYR A 118 5.37 -3.07 -19.95
CA TYR A 118 5.94 -3.69 -21.14
C TYR A 118 4.81 -4.07 -22.11
N PRO A 119 5.02 -3.86 -23.42
CA PRO A 119 6.23 -3.35 -24.08
C PRO A 119 6.20 -1.86 -24.39
N TYR A 120 5.12 -1.20 -23.96
CA TYR A 120 4.92 0.22 -24.28
C TYR A 120 6.10 1.07 -23.82
N VAL A 121 6.64 0.76 -22.65
CA VAL A 121 7.77 1.53 -22.13
C VAL A 121 8.96 1.41 -23.06
N ALA A 122 9.10 0.29 -23.78
CA ALA A 122 10.20 0.07 -24.71
C ALA A 122 9.96 0.69 -26.07
N LEU A 123 8.72 1.02 -26.39
CA LEU A 123 8.35 1.58 -27.68
C LEU A 123 8.11 3.08 -27.62
N GLY A 124 8.33 3.71 -26.48
CA GLY A 124 7.95 5.11 -26.38
C GLY A 124 6.47 5.38 -26.30
N ILE A 125 5.63 4.36 -26.06
CA ILE A 125 4.18 4.57 -25.98
C ILE A 125 3.78 4.78 -24.51
N LYS A 126 3.16 5.94 -24.24
CA LYS A 126 2.61 6.37 -22.96
C LYS A 126 1.12 6.06 -22.88
N LYS A 127 0.58 6.10 -21.66
CA LYS A 127 -0.85 5.82 -21.48
C LYS A 127 -1.74 6.82 -22.22
N ARG A 128 -1.36 8.10 -22.21
CA ARG A 128 -2.12 9.13 -22.92
C ARG A 128 -2.13 8.93 -24.44
N ASP A 129 -1.25 8.07 -24.98
CA ASP A 129 -1.26 7.69 -26.38
C ASP A 129 -2.21 6.54 -26.66
N ILE A 130 -2.69 5.87 -25.63
CA ILE A 130 -3.71 4.86 -25.79
C ILE A 130 -5.06 5.32 -25.27
N LEU A 131 -5.07 6.17 -24.24
CA LEU A 131 -6.29 6.49 -23.51
C LEU A 131 -6.47 8.00 -23.47
N SER A 132 -7.72 8.42 -23.60
CA SER A 132 -8.09 9.83 -23.58
C SER A 132 -9.16 10.01 -22.52
N LYS A 133 -8.92 10.92 -21.58
CA LYS A 133 -9.92 11.13 -20.54
C LYS A 133 -11.20 11.71 -21.14
N LYS A 134 -11.06 12.61 -22.12
CA LYS A 134 -12.19 13.35 -22.66
C LYS A 134 -13.01 12.54 -23.67
N THR A 135 -12.37 11.65 -24.42
CA THR A 135 -13.12 10.84 -25.38
C THR A 135 -13.57 9.50 -24.82
N LYS A 136 -12.93 9.02 -23.75
CA LYS A 136 -13.17 7.68 -23.21
C LYS A 136 -13.06 6.60 -24.28
N ASP A 137 -12.10 6.79 -25.19
CA ASP A 137 -11.92 5.85 -26.29
C ASP A 137 -11.39 4.51 -25.76
N LEU A 138 -11.97 3.43 -26.28
CA LEU A 138 -11.49 2.08 -26.01
C LEU A 138 -10.97 1.44 -27.29
N THR A 139 -11.03 2.16 -28.42
CA THR A 139 -10.61 1.63 -29.70
C THR A 139 -9.14 1.20 -29.66
N LYS A 140 -8.22 2.16 -29.42
CA LYS A 140 -6.80 1.83 -29.31
C LYS A 140 -6.56 0.79 -28.23
N LEU A 141 -7.19 0.94 -27.06
CA LEU A 141 -6.96 0.00 -25.98
C LEU A 141 -7.23 -1.43 -26.43
N LYS A 142 -8.41 -1.67 -27.03
CA LYS A 142 -8.74 -3.02 -27.49
C LYS A 142 -7.70 -3.52 -28.48
N GLU A 143 -7.26 -2.64 -29.38
CA GLU A 143 -6.25 -3.02 -30.35
C GLU A 143 -4.98 -3.51 -29.66
N CYS A 144 -4.52 -2.78 -28.63
CA CYS A 144 -3.28 -3.15 -27.95
C CYS A 144 -3.43 -4.45 -27.18
N MET A 145 -4.54 -4.60 -26.45
CA MET A 145 -4.72 -5.82 -25.69
C MET A 145 -4.86 -7.03 -26.61
N ASP A 146 -5.50 -6.86 -27.77
CA ASP A 146 -5.50 -7.94 -28.75
C ASP A 146 -4.11 -8.15 -29.33
N LYS A 147 -3.34 -7.09 -29.52
CA LYS A 147 -2.04 -7.21 -30.17
C LYS A 147 -1.03 -7.93 -29.29
N TYR A 148 -0.83 -7.45 -28.06
CA TYR A 148 0.20 -7.99 -27.18
C TYR A 148 -0.33 -8.94 -26.11
N GLY A 149 -1.65 -9.10 -26.00
CA GLY A 149 -2.13 -10.14 -25.12
C GLY A 149 -1.87 -9.85 -23.65
N LEU A 150 -1.67 -10.91 -22.88
CA LEU A 150 -1.64 -10.80 -21.43
C LEU A 150 -0.43 -11.53 -20.81
N ASN A 151 -0.42 -11.68 -19.49
CA ASN A 151 0.76 -12.07 -18.71
C ASN A 151 2.06 -11.54 -19.32
N LEU A 152 2.09 -10.26 -19.66
CA LEU A 152 3.35 -9.64 -20.05
C LEU A 152 4.25 -9.48 -18.83
N PRO A 153 5.56 -9.32 -19.02
CA PRO A 153 6.44 -9.10 -17.88
C PRO A 153 6.08 -7.80 -17.17
N MET A 154 6.67 -7.63 -15.99
CA MET A 154 6.52 -6.43 -15.20
C MET A 154 7.82 -5.62 -15.24
N VAL A 155 7.68 -4.31 -15.35
CA VAL A 155 8.83 -3.42 -15.31
C VAL A 155 9.05 -3.01 -13.84
N THR A 156 10.23 -3.31 -13.31
CA THR A 156 10.56 -2.95 -11.94
C THR A 156 11.22 -1.58 -11.93
N TYR A 157 10.70 -0.69 -11.09
CA TYR A 157 11.27 0.63 -10.85
C TYR A 157 11.63 0.77 -9.37
N VAL A 158 12.70 1.53 -9.12
CA VAL A 158 13.04 1.92 -7.76
C VAL A 158 12.15 3.10 -7.37
N LYS A 159 11.59 3.06 -6.18
CA LYS A 159 10.65 4.11 -5.82
C LYS A 159 11.39 5.36 -5.34
N ASP A 160 11.13 6.49 -6.02
CA ASP A 160 11.75 7.79 -5.74
C ASP A 160 11.03 8.46 -4.58
N GLU A 161 11.61 8.38 -3.38
CA GLU A 161 10.90 8.83 -2.18
C GLU A 161 11.90 9.15 -1.08
N LEU A 162 11.44 9.94 -0.10
CA LEU A 162 12.28 10.28 1.05
C LEU A 162 12.42 9.07 1.96
N ARG A 163 13.64 8.87 2.45
CA ARG A 163 13.95 7.75 3.32
C ARG A 163 14.85 8.25 4.44
N SER A 164 14.93 7.46 5.51
CA SER A 164 15.77 7.80 6.64
C SER A 164 17.25 7.65 6.28
N ILE A 165 18.12 8.09 7.21
CA ILE A 165 19.56 7.97 7.03
C ILE A 165 19.96 6.50 7.00
N GLU A 166 19.39 5.71 7.91
CA GLU A 166 19.69 4.28 7.96
C GLU A 166 19.39 3.61 6.62
N LYS A 167 18.21 3.89 6.05
CA LYS A 167 17.79 3.18 4.84
C LYS A 167 18.46 3.72 3.57
N VAL A 168 18.80 5.01 3.54
CA VAL A 168 19.62 5.50 2.43
C VAL A 168 20.96 4.77 2.42
N ALA A 169 21.58 4.68 3.61
CA ALA A 169 22.94 4.13 3.73
C ALA A 169 22.95 2.62 3.54
N LYS A 170 21.93 1.92 4.03
CA LYS A 170 21.83 0.51 3.69
C LYS A 170 21.34 0.30 2.27
N GLY A 171 21.06 1.37 1.52
CA GLY A 171 20.57 1.22 0.16
C GLY A 171 19.25 0.51 0.04
N LYS A 172 18.48 0.45 1.13
CA LYS A 172 17.24 -0.32 1.15
C LYS A 172 16.08 0.48 0.54
N SER A 173 16.29 0.90 -0.70
CA SER A 173 15.25 1.55 -1.48
C SER A 173 14.15 0.55 -1.86
N ARG A 174 12.90 1.03 -1.89
CA ARG A 174 11.74 0.18 -2.16
C ARG A 174 11.52 -0.01 -3.65
N LEU A 175 11.05 -1.19 -4.05
CA LEU A 175 10.80 -1.53 -5.44
C LEU A 175 9.31 -1.62 -5.72
N ILE A 176 8.83 -0.89 -6.75
CA ILE A 176 7.47 -1.03 -7.23
C ILE A 176 7.45 -1.53 -8.66
N GLU A 177 6.44 -2.33 -8.98
CA GLU A 177 6.33 -3.00 -10.26
C GLU A 177 5.27 -2.31 -11.09
N ALA A 178 5.59 -2.00 -12.36
CA ALA A 178 4.56 -1.55 -13.29
C ALA A 178 4.05 -2.77 -14.03
N SER A 179 2.78 -3.11 -13.82
CA SER A 179 2.14 -4.09 -14.65
C SER A 179 1.95 -3.50 -16.04
N SER A 180 1.96 -4.36 -17.06
CA SER A 180 1.60 -3.90 -18.40
C SER A 180 0.18 -3.32 -18.38
N LEU A 181 -0.05 -2.34 -19.26
CA LEU A 181 -1.40 -1.78 -19.36
C LEU A 181 -2.44 -2.85 -19.70
N ASN A 182 -2.05 -3.85 -20.50
CA ASN A 182 -2.99 -4.94 -20.81
C ASN A 182 -3.45 -5.65 -19.54
N ASP A 183 -2.49 -5.96 -18.65
CA ASP A 183 -2.81 -6.74 -17.46
C ASP A 183 -3.50 -5.91 -16.38
N SER A 184 -3.19 -4.61 -16.28
CA SER A 184 -3.93 -3.75 -15.37
C SER A 184 -5.41 -3.70 -15.73
N VAL A 185 -5.71 -3.50 -17.02
CA VAL A 185 -7.09 -3.39 -17.50
C VAL A 185 -7.83 -4.72 -17.34
N ALA A 186 -7.20 -5.81 -17.77
CA ALA A 186 -7.79 -7.14 -17.53
C ALA A 186 -8.01 -7.42 -16.05
N MET A 187 -7.13 -6.94 -15.16
CA MET A 187 -7.34 -7.22 -13.74
C MET A 187 -8.47 -6.40 -13.16
N ARG A 188 -8.54 -5.12 -13.52
CA ARG A 188 -9.67 -4.29 -13.10
C ARG A 188 -10.99 -4.74 -13.73
N GLN A 189 -10.95 -5.42 -14.87
CA GLN A 189 -12.19 -6.03 -15.35
C GLN A 189 -12.59 -7.21 -14.47
N THR A 190 -11.65 -8.10 -14.18
CA THR A 190 -11.99 -9.32 -13.43
C THR A 190 -12.43 -9.00 -12.00
N PHE A 191 -11.68 -8.14 -11.30
CA PHE A 191 -11.89 -7.86 -9.89
C PHE A 191 -12.36 -6.43 -9.65
N GLY A 192 -12.76 -5.71 -10.70
CA GLY A 192 -13.27 -4.36 -10.51
C GLY A 192 -14.34 -4.30 -9.45
N ASN A 193 -15.31 -5.22 -9.52
CA ASN A 193 -16.43 -5.19 -8.57
C ASN A 193 -15.95 -5.48 -7.16
N LEU A 194 -14.94 -6.34 -7.02
CA LEU A 194 -14.34 -6.55 -5.71
C LEU A 194 -13.68 -5.27 -5.21
N TYR A 195 -12.88 -4.61 -6.06
CA TYR A 195 -12.22 -3.39 -5.65
C TYR A 195 -13.24 -2.33 -5.25
N LYS A 196 -14.36 -2.25 -6.00
CA LYS A 196 -15.42 -1.30 -5.71
C LYS A 196 -16.03 -1.57 -4.34
N THR A 197 -16.34 -2.83 -4.04
CA THR A 197 -16.96 -3.18 -2.77
C THR A 197 -16.03 -2.89 -1.59
N PHE A 198 -14.77 -3.31 -1.69
CA PHE A 198 -13.79 -3.00 -0.65
C PHE A 198 -13.65 -1.51 -0.46
N HIS A 199 -13.44 -0.77 -1.56
CA HIS A 199 -13.28 0.68 -1.47
C HIS A 199 -14.49 1.34 -0.82
N LEU A 200 -15.68 0.80 -1.05
CA LEU A 200 -16.89 1.39 -0.50
C LEU A 200 -17.29 0.81 0.85
N ASN A 201 -16.52 -0.14 1.39
CA ASN A 201 -16.82 -0.71 2.71
C ASN A 201 -15.56 -0.92 3.54
N PRO A 202 -14.83 0.14 3.83
CA PRO A 202 -13.72 0.00 4.77
C PRO A 202 -14.22 -0.25 6.19
N GLY A 203 -13.55 -1.14 6.89
CA GLY A 203 -13.99 -1.48 8.23
C GLY A 203 -13.77 -2.97 8.50
N VAL A 204 -14.60 -3.49 9.39
CA VAL A 204 -14.30 -4.79 9.98
C VAL A 204 -14.97 -5.95 9.28
N VAL A 205 -15.86 -5.67 8.33
CA VAL A 205 -16.39 -6.72 7.48
C VAL A 205 -15.40 -7.07 6.37
N THR A 206 -14.94 -6.05 5.64
CA THR A 206 -13.87 -6.29 4.69
C THR A 206 -12.54 -6.56 5.39
N GLY A 207 -12.40 -6.13 6.63
CA GLY A 207 -11.09 -6.19 7.21
C GLY A 207 -10.09 -5.32 6.50
N SER A 208 -10.57 -4.30 5.78
CA SER A 208 -9.74 -3.49 4.90
C SER A 208 -9.96 -1.99 5.19
N ALA A 209 -8.89 -1.22 5.01
CA ALA A 209 -8.95 0.24 5.10
C ALA A 209 -8.60 0.88 3.76
N VAL A 210 -8.39 0.07 2.73
CA VAL A 210 -7.98 0.60 1.45
C VAL A 210 -9.09 1.51 0.94
N GLY A 211 -8.71 2.75 0.59
CA GLY A 211 -9.64 3.71 0.08
C GLY A 211 -10.29 4.59 1.13
N CYS A 212 -10.09 4.30 2.41
CA CYS A 212 -10.72 5.09 3.46
C CYS A 212 -10.25 6.56 3.42
N ASP A 213 -11.08 7.42 4.00
CA ASP A 213 -10.68 8.80 4.29
C ASP A 213 -10.48 8.94 5.78
N PRO A 214 -9.24 9.11 6.25
CA PRO A 214 -9.00 9.12 7.71
C PRO A 214 -9.74 10.22 8.43
N ASP A 215 -10.06 11.33 7.76
CA ASP A 215 -10.79 12.40 8.45
C ASP A 215 -12.13 11.89 8.96
N LEU A 216 -12.69 10.91 8.27
CA LEU A 216 -13.98 10.30 8.56
C LEU A 216 -13.86 8.95 9.25
N PHE A 217 -13.08 8.04 8.65
CA PHE A 217 -13.04 6.64 9.04
C PHE A 217 -12.53 6.46 10.46
N TRP A 218 -11.71 7.40 10.92
CA TRP A 218 -11.01 7.20 12.17
C TRP A 218 -11.89 7.36 13.38
N SER A 219 -12.98 8.12 13.27
CA SER A 219 -13.95 8.16 14.35
C SER A 219 -14.72 6.85 14.47
N LYS A 220 -14.75 6.04 13.40
CA LYS A 220 -15.44 4.76 13.38
C LYS A 220 -14.58 3.60 13.86
N ILE A 221 -13.25 3.70 13.76
CA ILE A 221 -12.37 2.59 14.14
C ILE A 221 -12.54 2.20 15.61
N PRO A 222 -12.58 3.14 16.58
CA PRO A 222 -12.74 2.69 17.96
C PRO A 222 -14.09 2.04 18.19
N VAL A 223 -15.10 2.45 17.45
CA VAL A 223 -16.40 1.82 17.59
C VAL A 223 -16.36 0.38 17.08
N MET A 224 -15.55 0.12 16.05
CA MET A 224 -15.45 -1.23 15.47
C MET A 224 -14.46 -2.11 16.22
N LEU A 225 -13.36 -1.52 16.70
CA LEU A 225 -12.35 -2.29 17.42
C LEU A 225 -12.68 -2.23 18.90
N ASP A 226 -13.42 -3.23 19.36
CA ASP A 226 -14.11 -3.17 20.62
C ASP A 226 -13.20 -3.44 21.82
N GLY A 227 -12.41 -4.52 21.77
CA GLY A 227 -11.73 -5.04 22.96
C GLY A 227 -10.32 -4.51 23.21
N HIS A 228 -9.41 -5.38 23.64
CA HIS A 228 -8.01 -5.04 23.81
C HIS A 228 -7.31 -4.96 22.45
N LEU A 229 -6.51 -3.91 22.26
CA LEU A 229 -5.91 -3.64 20.96
C LEU A 229 -4.76 -4.60 20.65
N ILE A 230 -4.72 -5.06 19.41
CA ILE A 230 -3.60 -5.80 18.84
C ILE A 230 -3.05 -4.97 17.70
N ALA A 231 -1.72 -4.86 17.61
CA ALA A 231 -1.10 -4.06 16.57
C ALA A 231 0.38 -4.38 16.49
N PHE A 232 0.86 -4.62 15.28
CA PHE A 232 2.27 -4.91 15.01
C PHE A 232 2.58 -4.53 13.57
N ASP A 233 3.85 -4.67 13.21
CA ASP A 233 4.36 -4.34 11.89
C ASP A 233 4.99 -5.55 11.25
N TYR A 234 5.23 -5.42 9.95
CA TYR A 234 5.99 -6.39 9.20
C TYR A 234 7.27 -5.74 8.70
N SER A 235 8.28 -6.56 8.44
CA SER A 235 9.42 -6.17 7.61
C SER A 235 9.29 -6.88 6.29
N GLY A 236 9.32 -6.12 5.19
CA GLY A 236 9.21 -6.70 3.87
C GLY A 236 8.06 -7.66 3.75
N TYR A 237 6.87 -7.21 4.18
CA TYR A 237 5.68 -8.04 4.09
C TYR A 237 5.48 -8.57 2.67
N ASP A 238 5.48 -7.67 1.67
CA ASP A 238 5.05 -8.02 0.30
C ASP A 238 5.94 -9.09 -0.31
N ALA A 239 7.25 -8.96 -0.14
CA ALA A 239 8.20 -9.92 -0.70
C ALA A 239 8.48 -11.11 0.22
N SER A 240 8.02 -11.08 1.47
CA SER A 240 8.12 -12.26 2.33
C SER A 240 7.00 -13.27 2.08
N LEU A 241 5.89 -12.85 1.45
CA LEU A 241 4.77 -13.75 1.22
C LEU A 241 5.22 -14.98 0.44
N SER A 242 4.93 -16.17 0.99
CA SER A 242 5.17 -17.43 0.31
C SER A 242 4.01 -17.81 -0.61
N PRO A 243 4.25 -18.71 -1.57
CA PRO A 243 3.14 -19.16 -2.42
C PRO A 243 1.93 -19.72 -1.67
N VAL A 244 2.12 -20.32 -0.49
CA VAL A 244 0.99 -20.90 0.25
C VAL A 244 -0.07 -19.86 0.57
N TRP A 245 0.34 -18.60 0.79
CA TRP A 245 -0.62 -17.54 1.09
C TRP A 245 -1.40 -17.16 -0.16
N PHE A 246 -0.80 -17.30 -1.33
CA PHE A 246 -1.58 -17.04 -2.53
C PHE A 246 -2.57 -18.18 -2.78
N ALA A 247 -2.20 -19.42 -2.42
CA ALA A 247 -3.18 -20.51 -2.48
C ALA A 247 -4.37 -20.20 -1.58
N CYS A 248 -4.11 -19.67 -0.38
CA CYS A 248 -5.21 -19.28 0.49
C CYS A 248 -6.05 -18.20 -0.16
N LEU A 249 -5.39 -17.21 -0.76
CA LEU A 249 -6.14 -16.17 -1.44
C LEU A 249 -6.95 -16.73 -2.61
N LYS A 250 -6.38 -17.68 -3.38
CA LYS A 250 -7.16 -18.30 -4.45
C LYS A 250 -8.37 -19.03 -3.88
N MET A 251 -8.19 -19.74 -2.76
CA MET A 251 -9.32 -20.40 -2.10
C MET A 251 -10.39 -19.40 -1.67
N ILE A 252 -9.99 -18.26 -1.09
CA ILE A 252 -11.01 -17.31 -0.66
C ILE A 252 -11.77 -16.75 -1.85
N LEU A 253 -11.07 -16.49 -2.96
CA LEU A 253 -11.75 -15.96 -4.14
C LEU A 253 -12.74 -16.97 -4.72
N GLU A 254 -12.40 -18.27 -4.65
CA GLU A 254 -13.29 -19.28 -5.21
C GLU A 254 -14.53 -19.44 -4.35
N LYS A 255 -14.39 -19.31 -3.02
CA LYS A 255 -15.57 -19.31 -2.17
C LYS A 255 -16.46 -18.09 -2.41
N LEU A 256 -15.88 -16.99 -2.94
CA LEU A 256 -16.65 -15.79 -3.28
C LEU A 256 -17.32 -15.90 -4.65
N GLY A 257 -17.06 -16.98 -5.40
CA GLY A 257 -17.67 -17.22 -6.68
C GLY A 257 -16.75 -17.13 -7.88
N TYR A 258 -15.51 -16.67 -7.69
CA TYR A 258 -14.58 -16.58 -8.81
C TYR A 258 -14.20 -17.98 -9.29
N THR A 259 -14.28 -18.20 -10.60
CA THR A 259 -13.90 -19.48 -11.19
C THR A 259 -12.38 -19.67 -11.11
N HIS A 260 -11.94 -20.91 -11.33
CA HIS A 260 -10.50 -21.18 -11.32
C HIS A 260 -9.77 -20.36 -12.38
N LYS A 261 -10.43 -20.09 -13.52
CA LYS A 261 -9.83 -19.32 -14.60
C LYS A 261 -9.69 -17.85 -14.21
N GLU A 262 -10.61 -17.34 -13.39
CA GLU A 262 -10.49 -15.94 -12.97
C GLU A 262 -9.43 -15.79 -11.88
N THR A 263 -9.20 -16.82 -11.07
CA THR A 263 -8.12 -16.82 -10.09
C THR A 263 -6.76 -17.06 -10.72
N ASN A 264 -6.68 -17.26 -12.03
CA ASN A 264 -5.37 -17.44 -12.65
C ASN A 264 -4.52 -16.19 -12.56
N TYR A 265 -5.13 -15.03 -12.43
CA TYR A 265 -4.29 -13.86 -12.26
C TYR A 265 -3.73 -13.73 -10.86
N ILE A 266 -4.13 -14.59 -9.93
CA ILE A 266 -3.35 -14.67 -8.69
C ILE A 266 -2.02 -15.38 -8.98
N ASP A 267 -2.02 -16.31 -9.94
CA ASP A 267 -0.75 -16.93 -10.36
C ASP A 267 0.14 -15.94 -11.12
N TYR A 268 -0.45 -15.11 -11.99
CA TYR A 268 0.33 -14.02 -12.59
C TYR A 268 0.99 -13.14 -11.53
N LEU A 269 0.33 -12.93 -10.37
CA LEU A 269 0.90 -12.13 -9.29
C LEU A 269 1.98 -12.89 -8.51
N CYS A 270 1.77 -14.18 -8.23
CA CYS A 270 2.66 -14.95 -7.37
C CYS A 270 3.95 -15.36 -8.08
N ASN A 271 3.85 -15.81 -9.32
CA ASN A 271 4.99 -16.28 -10.09
C ASN A 271 5.19 -15.28 -11.22
N SER A 272 5.98 -14.27 -10.95
CA SER A 272 6.04 -13.11 -11.80
C SER A 272 7.37 -13.07 -12.54
N HIS A 273 7.36 -12.27 -13.58
CA HIS A 273 8.39 -12.20 -14.59
C HIS A 273 8.70 -10.71 -14.73
N HIS A 274 9.92 -10.30 -14.37
CA HIS A 274 10.21 -8.88 -14.22
C HIS A 274 11.31 -8.40 -15.16
N LEU A 275 11.26 -7.10 -15.49
CA LEU A 275 12.32 -6.39 -16.20
C LEU A 275 12.82 -5.27 -15.30
N TYR A 276 14.06 -5.37 -14.81
CA TYR A 276 14.69 -4.28 -14.07
C TYR A 276 15.92 -3.79 -14.82
N ARG A 277 15.82 -2.59 -15.37
CA ARG A 277 16.92 -1.96 -16.10
C ARG A 277 17.50 -2.87 -17.19
N ASP A 278 18.70 -3.41 -16.97
CA ASP A 278 19.32 -4.31 -17.95
C ASP A 278 19.23 -5.78 -17.56
N LYS A 279 18.59 -6.09 -16.43
CA LYS A 279 18.47 -7.46 -15.98
C LYS A 279 17.04 -7.88 -16.14
N HIS A 280 16.84 -9.19 -16.03
CA HIS A 280 15.53 -9.79 -16.23
C HIS A 280 15.47 -11.03 -15.38
N TYR A 281 14.36 -11.21 -14.63
CA TYR A 281 14.33 -12.23 -13.60
C TYR A 281 12.92 -12.74 -13.33
N PHE A 282 12.86 -13.96 -12.78
CA PHE A 282 11.62 -14.57 -12.34
C PHE A 282 11.58 -14.65 -10.81
N VAL A 283 10.39 -14.47 -10.26
CA VAL A 283 10.14 -14.52 -8.81
C VAL A 283 9.01 -15.50 -8.56
N ARG A 284 9.25 -16.46 -7.67
CA ARG A 284 8.22 -17.36 -7.19
C ARG A 284 7.77 -16.84 -5.83
N GLY A 285 6.55 -16.31 -5.78
CA GLY A 285 6.04 -15.79 -4.52
C GLY A 285 6.28 -14.30 -4.40
N GLY A 286 5.77 -13.75 -3.30
CA GLY A 286 5.85 -12.32 -3.07
C GLY A 286 4.81 -11.49 -3.80
N MET A 287 4.28 -10.47 -3.15
CA MET A 287 3.31 -9.59 -3.79
C MET A 287 4.02 -8.52 -4.60
N PRO A 288 3.79 -8.45 -5.90
CA PRO A 288 4.47 -7.44 -6.71
C PRO A 288 3.84 -6.08 -6.49
N SER A 289 4.33 -5.36 -5.48
CA SER A 289 3.76 -4.07 -5.10
C SER A 289 3.81 -3.10 -6.25
N GLY A 290 2.63 -2.57 -6.62
CA GLY A 290 2.47 -1.72 -7.79
C GLY A 290 1.52 -2.29 -8.82
N CYS A 291 1.21 -3.58 -8.76
CA CYS A 291 0.25 -4.16 -9.67
C CYS A 291 -1.17 -3.84 -9.21
N SER A 292 -2.14 -4.28 -10.01
CA SER A 292 -3.53 -3.90 -9.78
C SER A 292 -4.06 -4.53 -8.49
N GLY A 293 -4.62 -3.68 -7.62
CA GLY A 293 -5.16 -4.12 -6.35
C GLY A 293 -4.22 -4.93 -5.49
N THR A 294 -2.90 -4.73 -5.62
CA THR A 294 -1.99 -5.35 -4.67
C THR A 294 -2.29 -4.92 -3.24
N SER A 295 -2.73 -3.67 -3.02
CA SER A 295 -3.09 -3.26 -1.67
C SER A 295 -4.30 -4.03 -1.15
N ILE A 296 -5.33 -4.19 -1.98
CA ILE A 296 -6.49 -4.96 -1.56
C ILE A 296 -6.10 -6.42 -1.30
N PHE A 297 -5.36 -7.03 -2.23
CA PHE A 297 -4.97 -8.43 -2.05
C PHE A 297 -4.05 -8.61 -0.85
N ASN A 298 -3.12 -7.67 -0.63
CA ASN A 298 -2.32 -7.72 0.60
C ASN A 298 -3.22 -7.68 1.82
N SER A 299 -4.23 -6.82 1.80
CA SER A 299 -5.12 -6.73 2.95
C SER A 299 -5.92 -8.02 3.13
N MET A 300 -6.38 -8.62 2.03
CA MET A 300 -7.11 -9.88 2.14
C MET A 300 -6.22 -11.00 2.70
N ILE A 301 -4.98 -11.07 2.22
CA ILE A 301 -4.05 -12.10 2.71
C ILE A 301 -3.73 -11.86 4.18
N ASN A 302 -3.71 -10.60 4.59
CA ASN A 302 -3.38 -10.31 5.97
C ASN A 302 -4.52 -10.70 6.91
N ASN A 303 -5.76 -10.69 6.42
CA ASN A 303 -6.86 -11.23 7.21
C ASN A 303 -6.73 -12.74 7.35
N ILE A 304 -6.26 -13.42 6.31
CA ILE A 304 -6.04 -14.85 6.39
C ILE A 304 -4.93 -15.15 7.37
N ILE A 305 -3.83 -14.39 7.29
CA ILE A 305 -2.63 -14.67 8.08
C ILE A 305 -2.92 -14.55 9.57
N ILE A 306 -3.43 -13.39 10.01
CA ILE A 306 -3.61 -13.18 11.44
C ILE A 306 -4.58 -14.21 12.01
N ARG A 307 -5.75 -14.37 11.36
CA ARG A 307 -6.66 -15.43 11.75
C ARG A 307 -5.96 -16.78 11.83
N THR A 308 -5.17 -17.12 10.81
CA THR A 308 -4.41 -18.37 10.84
C THR A 308 -3.54 -18.44 12.07
N LEU A 309 -2.82 -17.36 12.37
CA LEU A 309 -1.88 -17.39 13.49
C LEU A 309 -2.60 -17.41 14.84
N MET A 310 -3.78 -16.80 14.93
CA MET A 310 -4.55 -16.90 16.18
C MET A 310 -5.01 -18.33 16.42
N LEU A 311 -5.51 -18.97 15.36
CA LEU A 311 -5.99 -20.34 15.49
C LEU A 311 -4.89 -21.29 15.96
N LYS A 312 -3.65 -21.07 15.50
CA LYS A 312 -2.58 -22.01 15.77
C LYS A 312 -1.96 -21.83 17.16
N VAL A 313 -1.95 -20.61 17.70
CA VAL A 313 -1.34 -20.38 19.01
C VAL A 313 -2.37 -20.47 20.11
N TYR A 314 -3.53 -19.87 19.90
CA TYR A 314 -4.64 -19.86 20.86
C TYR A 314 -5.73 -20.80 20.34
N LYS A 315 -5.50 -22.09 20.50
CA LYS A 315 -6.55 -23.06 20.22
C LYS A 315 -7.74 -22.76 21.15
N GLY A 316 -8.94 -22.73 20.57
CA GLY A 316 -10.10 -22.29 21.33
C GLY A 316 -10.45 -20.82 21.17
N ILE A 317 -9.60 -20.03 20.49
CA ILE A 317 -9.94 -18.66 20.14
C ILE A 317 -11.30 -18.62 19.41
N ASP A 318 -11.99 -17.49 19.53
CA ASP A 318 -13.31 -17.32 18.91
C ASP A 318 -13.20 -16.17 17.90
N LEU A 319 -12.90 -16.52 16.66
CA LEU A 319 -12.74 -15.50 15.62
C LEU A 319 -13.98 -14.63 15.45
N ASP A 320 -15.15 -15.11 15.92
CA ASP A 320 -16.35 -14.29 15.83
C ASP A 320 -16.24 -13.05 16.70
N GLN A 321 -15.49 -13.12 17.78
CA GLN A 321 -15.21 -11.95 18.60
C GLN A 321 -13.94 -11.23 18.18
N PHE A 322 -13.37 -11.57 17.03
CA PHE A 322 -12.14 -10.95 16.58
C PHE A 322 -12.47 -9.89 15.53
N ARG A 323 -11.84 -8.72 15.64
CA ARG A 323 -11.98 -7.63 14.69
C ARG A 323 -10.60 -7.26 14.17
N MET A 324 -10.51 -6.93 12.88
CA MET A 324 -9.26 -6.36 12.38
C MET A 324 -9.53 -5.52 11.14
N ILE A 325 -8.75 -4.45 11.00
CA ILE A 325 -8.68 -3.66 9.79
C ILE A 325 -7.24 -3.71 9.30
N ALA A 326 -7.05 -4.06 8.02
CA ALA A 326 -5.72 -4.09 7.44
C ALA A 326 -5.60 -3.11 6.27
N TYR A 327 -4.44 -2.45 6.16
CA TYR A 327 -4.10 -1.72 4.93
C TYR A 327 -2.80 -2.32 4.42
N GLY A 328 -2.90 -3.15 3.38
CA GLY A 328 -1.77 -3.95 2.97
C GLY A 328 -1.22 -4.72 4.16
N ASP A 329 0.00 -4.37 4.59
CA ASP A 329 0.64 -5.02 5.72
C ASP A 329 0.30 -4.39 7.06
N ASP A 330 -0.16 -3.14 7.06
CA ASP A 330 -0.47 -2.41 8.28
C ASP A 330 -1.76 -2.95 8.92
N VAL A 331 -1.70 -3.38 10.18
CA VAL A 331 -2.83 -4.05 10.83
C VAL A 331 -3.18 -3.37 12.14
N ILE A 332 -4.47 -3.21 12.38
CA ILE A 332 -4.98 -2.78 13.68
C ILE A 332 -6.19 -3.67 13.98
N ALA A 333 -6.23 -4.23 15.19
CA ALA A 333 -7.12 -5.34 15.47
C ALA A 333 -7.47 -5.37 16.97
N SER A 334 -8.46 -6.18 17.31
CA SER A 334 -8.85 -6.22 18.71
C SER A 334 -9.47 -7.57 19.02
N TYR A 335 -9.44 -7.90 20.31
CA TYR A 335 -10.01 -9.11 20.89
C TYR A 335 -10.47 -8.75 22.30
N PRO A 336 -11.52 -9.41 22.81
CA PRO A 336 -11.99 -9.07 24.17
C PRO A 336 -10.98 -9.38 25.26
N TRP A 337 -10.12 -10.40 25.07
CA TRP A 337 -9.13 -10.84 26.07
C TRP A 337 -7.71 -10.56 25.57
N PRO A 338 -6.74 -10.39 26.48
CA PRO A 338 -5.38 -10.07 26.02
C PRO A 338 -4.86 -11.15 25.08
N ILE A 339 -3.99 -10.72 24.16
CA ILE A 339 -3.30 -11.61 23.23
C ILE A 339 -1.83 -11.23 23.24
N ASP A 340 -0.96 -12.24 23.26
CA ASP A 340 0.49 -12.04 23.20
C ASP A 340 0.88 -12.01 21.72
N ALA A 341 1.12 -10.80 21.20
CA ALA A 341 1.50 -10.65 19.80
C ALA A 341 2.89 -11.24 19.52
N SER A 342 3.76 -11.34 20.55
CA SER A 342 5.06 -11.98 20.34
C SER A 342 4.89 -13.45 20.00
N LEU A 343 3.91 -14.13 20.60
CA LEU A 343 3.54 -15.49 20.21
C LEU A 343 3.09 -15.55 18.75
N LEU A 344 2.22 -14.61 18.34
CA LEU A 344 1.82 -14.52 16.95
C LEU A 344 3.02 -14.27 16.04
N ALA A 345 3.96 -13.44 16.51
CA ALA A 345 5.18 -13.15 15.75
C ALA A 345 6.03 -14.40 15.55
N GLU A 346 6.25 -15.17 16.62
CA GLU A 346 7.03 -16.40 16.45
C GLU A 346 6.34 -17.34 15.47
N ALA A 347 5.02 -17.52 15.64
CA ALA A 347 4.26 -18.39 14.73
C ALA A 347 4.37 -17.91 13.29
N GLY A 348 4.29 -16.59 13.07
CA GLY A 348 4.45 -16.05 11.73
C GLY A 348 5.81 -16.33 11.13
N LYS A 349 6.87 -16.33 11.97
CA LYS A 349 8.20 -16.72 11.51
C LYS A 349 8.20 -18.12 10.91
N GLY A 350 7.38 -19.03 11.45
CA GLY A 350 7.19 -20.33 10.84
C GLY A 350 6.50 -20.30 9.49
N TYR A 351 5.70 -19.28 9.22
CA TYR A 351 5.09 -19.13 7.91
C TYR A 351 5.90 -18.23 7.00
N GLY A 352 7.13 -17.87 7.40
CA GLY A 352 7.98 -17.05 6.57
C GLY A 352 7.62 -15.59 6.60
N LEU A 353 7.18 -15.09 7.77
CA LEU A 353 6.81 -13.70 7.91
C LEU A 353 7.68 -13.07 8.99
N ILE A 354 8.02 -11.79 8.79
CA ILE A 354 8.81 -11.03 9.74
C ILE A 354 7.88 -10.03 10.41
N MET A 355 7.43 -10.38 11.62
CA MET A 355 6.55 -9.53 12.42
C MET A 355 7.32 -8.93 13.58
N THR A 356 7.21 -7.62 13.73
CA THR A 356 7.87 -6.85 14.78
C THR A 356 6.83 -6.15 15.66
N PRO A 357 7.24 -5.68 16.86
CA PRO A 357 6.31 -4.87 17.67
C PRO A 357 5.88 -3.62 16.93
N ALA A 358 4.72 -3.11 17.31
CA ALA A 358 4.19 -1.94 16.62
C ALA A 358 5.10 -0.73 16.83
N ASP A 359 5.46 -0.08 15.72
CA ASP A 359 6.14 1.21 15.70
C ASP A 359 7.55 1.14 16.32
N LYS A 360 8.40 0.32 15.69
CA LYS A 360 9.78 0.07 16.09
C LYS A 360 9.91 -0.07 17.61
N GLY A 361 8.92 -0.67 18.25
CA GLY A 361 8.98 -0.86 19.68
C GLY A 361 10.01 -1.89 20.08
N GLU A 362 10.58 -1.69 21.27
CA GLU A 362 11.56 -2.63 21.82
C GLU A 362 10.94 -3.98 22.12
N CYS A 363 9.70 -3.99 22.61
CA CYS A 363 9.02 -5.22 22.90
C CYS A 363 7.56 -5.10 22.50
N TYR A 364 6.84 -6.21 22.58
CA TYR A 364 5.42 -6.18 22.21
C TYR A 364 4.57 -5.74 23.39
N ASN A 365 4.94 -4.59 23.99
CA ASN A 365 4.23 -4.01 25.13
C ASN A 365 2.75 -3.78 24.80
N GLU A 366 2.01 -3.36 25.82
CA GLU A 366 0.58 -3.20 25.63
C GLU A 366 0.31 -2.03 24.70
N VAL A 367 -0.49 -2.29 23.69
CA VAL A 367 -0.92 -1.26 22.77
C VAL A 367 -2.11 -0.56 23.38
N THR A 368 -2.11 0.77 23.33
CA THR A 368 -3.19 1.59 23.87
C THR A 368 -3.65 2.57 22.81
N TRP A 369 -4.86 3.08 23.00
CA TRP A 369 -5.32 4.15 22.12
C TRP A 369 -4.44 5.38 22.22
N THR A 370 -3.58 5.48 23.22
CA THR A 370 -2.65 6.59 23.27
C THR A 370 -1.47 6.38 22.33
N ASN A 371 -0.90 5.17 22.28
CA ASN A 371 0.30 4.92 21.49
C ASN A 371 0.04 4.24 20.15
N VAL A 372 -1.15 3.72 19.87
CA VAL A 372 -1.36 2.98 18.62
C VAL A 372 -1.31 3.94 17.43
N THR A 373 -0.77 3.45 16.31
CA THR A 373 -0.85 4.19 15.05
C THR A 373 -1.43 3.29 13.95
N PHE A 374 -1.96 3.96 12.92
CA PHE A 374 -2.50 3.30 11.74
C PHE A 374 -2.29 4.28 10.58
N LEU A 375 -1.80 3.77 9.45
CA LEU A 375 -1.39 4.61 8.33
C LEU A 375 -0.52 5.78 8.80
N LYS A 376 0.39 5.49 9.75
CA LYS A 376 1.32 6.41 10.38
C LYS A 376 0.66 7.49 11.24
N ARG A 377 -0.66 7.42 11.45
CA ARG A 377 -1.39 8.45 12.19
C ARG A 377 -1.82 7.94 13.56
N TYR A 378 -1.78 8.84 14.55
CA TYR A 378 -2.26 8.54 15.89
C TYR A 378 -3.76 8.78 15.99
N PHE A 379 -4.34 8.37 17.13
CA PHE A 379 -5.76 8.54 17.39
C PHE A 379 -5.93 9.49 18.58
N ARG A 380 -6.65 10.59 18.37
CA ARG A 380 -6.89 11.54 19.45
C ARG A 380 -8.33 12.03 19.34
N ALA A 381 -9.15 11.72 20.34
CA ALA A 381 -10.52 12.18 20.35
C ALA A 381 -10.54 13.70 20.48
N ASP A 382 -11.57 14.31 19.90
CA ASP A 382 -11.75 15.74 20.09
C ASP A 382 -12.09 16.02 21.55
N GLU A 383 -11.55 17.11 22.06
CA GLU A 383 -11.85 17.55 23.42
C GLU A 383 -13.30 18.01 23.55
N GLN A 384 -13.84 18.67 22.52
CA GLN A 384 -15.22 19.14 22.57
C GLN A 384 -16.24 18.11 22.08
N TYR A 385 -15.89 17.31 21.07
CA TYR A 385 -16.79 16.30 20.51
C TYR A 385 -16.13 14.93 20.71
N PRO A 386 -16.28 14.33 21.90
CA PRO A 386 -15.46 13.15 22.25
C PRO A 386 -15.63 11.97 21.31
N PHE A 387 -16.85 11.71 20.83
CA PHE A 387 -17.09 10.68 19.83
C PHE A 387 -16.44 10.96 18.48
N LEU A 388 -15.77 12.11 18.31
CA LEU A 388 -15.06 12.44 17.06
C LEU A 388 -13.57 12.22 17.26
N VAL A 389 -12.95 11.47 16.36
CA VAL A 389 -11.58 11.02 16.54
C VAL A 389 -10.72 11.67 15.47
N HIS A 390 -9.77 12.51 15.91
CA HIS A 390 -8.79 13.10 15.00
C HIS A 390 -7.79 12.06 14.55
N PRO A 391 -7.54 11.94 13.24
CA PRO A 391 -6.31 11.29 12.74
C PRO A 391 -5.13 12.24 12.88
N VAL A 392 -4.15 11.87 13.72
CA VAL A 392 -3.05 12.79 14.03
C VAL A 392 -1.78 12.31 13.34
N MET A 393 -1.45 12.91 12.19
CA MET A 393 -0.13 12.71 11.57
C MET A 393 0.92 13.51 12.36
N PRO A 394 1.97 12.88 12.87
CA PRO A 394 2.99 13.61 13.64
C PRO A 394 3.66 14.73 12.84
N MET A 395 3.83 15.89 13.49
CA MET A 395 4.48 17.02 12.83
C MET A 395 5.88 16.70 12.34
N LYS A 396 6.55 15.68 12.90
CA LYS A 396 7.85 15.30 12.37
C LYS A 396 7.73 14.86 10.91
N ASP A 397 6.71 14.05 10.59
CA ASP A 397 6.56 13.57 9.23
C ASP A 397 6.09 14.66 8.29
N ILE A 398 5.28 15.59 8.79
CA ILE A 398 4.92 16.74 7.95
C ILE A 398 6.15 17.60 7.70
N HIS A 399 6.96 17.81 8.73
CA HIS A 399 8.20 18.56 8.58
C HIS A 399 9.12 17.91 7.53
N GLU A 400 9.14 16.59 7.48
CA GLU A 400 10.03 15.92 6.51
C GLU A 400 9.53 16.11 5.09
N SER A 401 8.20 16.09 4.89
CA SER A 401 7.70 16.22 3.54
C SER A 401 7.88 17.63 3.00
N ILE A 402 7.66 18.65 3.85
CA ILE A 402 7.65 20.01 3.34
C ILE A 402 9.04 20.46 2.91
N ARG A 403 10.10 19.80 3.37
CA ARG A 403 11.44 20.27 3.04
C ARG A 403 11.89 19.88 1.64
N TRP A 404 11.08 19.15 0.88
CA TRP A 404 11.47 18.67 -0.44
C TRP A 404 10.30 18.84 -1.39
N THR A 405 10.58 18.66 -2.68
CA THR A 405 9.57 18.79 -3.71
C THR A 405 10.04 18.05 -4.95
N LYS A 406 9.10 17.39 -5.64
CA LYS A 406 9.35 16.86 -6.97
C LYS A 406 8.97 17.85 -8.06
N ASP A 407 8.23 18.91 -7.71
CA ASP A 407 7.90 19.98 -8.65
C ASP A 407 7.39 21.20 -7.90
N PRO A 408 8.18 22.28 -7.83
CA PRO A 408 7.74 23.47 -7.08
C PRO A 408 6.52 24.14 -7.69
N LYS A 409 6.14 23.77 -8.92
CA LYS A 409 4.89 24.30 -9.47
C LYS A 409 3.68 23.85 -8.66
N ASN A 410 3.79 22.77 -7.88
CA ASN A 410 2.71 22.30 -7.01
C ASN A 410 2.90 22.75 -5.56
N THR A 411 3.69 23.81 -5.31
CA THR A 411 3.91 24.23 -3.93
C THR A 411 2.59 24.53 -3.22
N GLN A 412 1.64 25.15 -3.92
CA GLN A 412 0.34 25.47 -3.31
C GLN A 412 -0.43 24.19 -2.97
N ASP A 413 -0.50 23.23 -3.89
CA ASP A 413 -1.26 22.01 -3.58
C ASP A 413 -0.57 21.19 -2.50
N HIS A 414 0.76 21.11 -2.56
CA HIS A 414 1.52 20.32 -1.59
C HIS A 414 1.32 20.87 -0.17
N VAL A 415 1.59 22.17 0.01
CA VAL A 415 1.50 22.76 1.34
C VAL A 415 0.07 22.68 1.88
N ARG A 416 -0.93 22.92 1.02
CA ARG A 416 -2.33 22.83 1.45
C ARG A 416 -2.70 21.42 1.89
N SER A 417 -2.18 20.40 1.19
CA SER A 417 -2.30 19.02 1.65
C SER A 417 -1.76 18.84 3.07
N LEU A 418 -0.51 19.27 3.28
CA LEU A 418 0.08 19.15 4.60
C LEU A 418 -0.75 19.86 5.65
N CYS A 419 -1.38 20.99 5.30
CA CYS A 419 -2.20 21.70 6.28
C CYS A 419 -3.35 20.84 6.74
N LEU A 420 -4.01 20.14 5.81
CA LEU A 420 -5.16 19.31 6.15
C LEU A 420 -4.78 18.17 7.08
N LEU A 421 -3.52 17.70 7.01
CA LEU A 421 -3.02 16.78 8.03
C LEU A 421 -2.62 17.52 9.31
N ALA A 422 -1.92 18.64 9.17
CA ALA A 422 -1.25 19.27 10.31
C ALA A 422 -2.23 19.81 11.34
N TRP A 423 -3.42 20.27 10.91
CA TRP A 423 -4.30 20.98 11.84
C TRP A 423 -4.82 20.05 12.95
N HIS A 424 -4.98 18.76 12.67
CA HIS A 424 -5.40 17.80 13.68
C HIS A 424 -4.45 17.74 14.89
N ASN A 425 -3.22 18.21 14.74
CA ASN A 425 -2.27 18.28 15.84
C ASN A 425 -2.64 19.37 16.84
N GLY A 426 -3.61 20.22 16.53
CA GLY A 426 -4.04 21.27 17.42
C GLY A 426 -3.69 22.65 16.90
N GLU A 427 -4.35 23.65 17.50
CA GLU A 427 -4.29 25.00 16.98
C GLU A 427 -2.96 25.69 17.25
N HIS A 428 -2.34 25.41 18.41
CA HIS A 428 -1.04 26.01 18.67
C HIS A 428 -0.01 25.46 17.70
N GLU A 429 0.03 24.13 17.57
CA GLU A 429 0.91 23.50 16.59
C GLU A 429 0.64 24.00 15.18
N TYR A 430 -0.63 24.27 14.85
CA TYR A 430 -0.97 24.67 13.50
C TYR A 430 -0.45 26.06 13.19
N GLU A 431 -0.73 27.01 14.07
CA GLU A 431 -0.31 28.36 13.79
C GLU A 431 1.21 28.53 13.82
N GLU A 432 1.94 27.60 14.46
CA GLU A 432 3.40 27.64 14.35
C GLU A 432 3.87 27.12 12.99
N PHE A 433 3.22 26.06 12.51
CA PHE A 433 3.42 25.58 11.14
C PHE A 433 3.13 26.67 10.12
N ILE A 434 2.01 27.38 10.27
CA ILE A 434 1.70 28.49 9.37
C ILE A 434 2.74 29.61 9.51
N ARG A 435 3.08 29.97 10.75
CA ARG A 435 4.02 31.06 10.95
C ARG A 435 5.32 30.78 10.21
N LYS A 436 5.94 29.63 10.48
CA LYS A 436 7.18 29.31 9.80
C LYS A 436 7.01 29.19 8.27
N ILE A 437 5.84 28.75 7.79
CA ILE A 437 5.60 28.77 6.34
C ILE A 437 5.68 30.21 5.81
N ARG A 438 5.06 31.16 6.52
CA ARG A 438 5.03 32.54 6.03
C ARG A 438 6.33 33.28 6.28
N SER A 439 7.33 32.64 6.89
CA SER A 439 8.65 33.23 7.03
C SER A 439 9.49 33.13 5.74
N VAL A 440 8.94 32.53 4.69
CA VAL A 440 9.50 32.54 3.34
C VAL A 440 8.52 33.31 2.46
N PRO A 441 8.99 34.10 1.49
CA PRO A 441 8.03 34.86 0.66
C PRO A 441 6.97 34.00 -0.04
N VAL A 442 7.31 32.81 -0.56
CA VAL A 442 6.28 31.95 -1.14
C VAL A 442 5.16 31.72 -0.14
N GLY A 443 5.53 31.51 1.13
CA GLY A 443 4.53 31.17 2.14
C GLY A 443 3.41 32.18 2.19
N ARG A 444 3.75 33.46 1.96
CA ARG A 444 2.78 34.53 1.97
C ARG A 444 2.00 34.64 0.67
N CYS A 445 2.43 33.97 -0.39
CA CYS A 445 1.68 33.99 -1.64
C CYS A 445 0.71 32.83 -1.75
N LEU A 446 0.61 32.01 -0.72
CA LEU A 446 -0.20 30.81 -0.75
C LEU A 446 -1.55 31.04 -0.08
N THR A 447 -2.57 30.41 -0.64
CA THR A 447 -3.89 30.36 -0.03
C THR A 447 -3.91 29.22 0.98
N LEU A 448 -3.68 29.54 2.25
CA LEU A 448 -3.68 28.54 3.31
C LEU A 448 -4.96 28.64 4.10
N PRO A 449 -5.67 27.54 4.33
CA PRO A 449 -6.93 27.64 5.08
C PRO A 449 -6.68 27.95 6.55
N ALA A 450 -7.66 28.63 7.16
CA ALA A 450 -7.58 28.97 8.57
C ALA A 450 -7.95 27.77 9.43
N PHE A 451 -7.42 27.77 10.66
CA PHE A 451 -7.75 26.69 11.59
C PHE A 451 -9.26 26.57 11.79
N SER A 452 -9.93 27.69 12.12
CA SER A 452 -11.37 27.64 12.34
C SER A 452 -12.09 27.04 11.13
N THR A 453 -11.65 27.40 9.90
CA THR A 453 -12.30 26.84 8.72
C THR A 453 -12.09 25.35 8.62
N LEU A 454 -10.86 24.88 8.88
CA LEU A 454 -10.58 23.44 8.83
C LEU A 454 -11.47 22.69 9.81
N ARG A 455 -11.51 23.17 11.06
CA ARG A 455 -12.26 22.49 12.11
C ARG A 455 -13.76 22.52 11.83
N ARG A 456 -14.25 23.64 11.30
CA ARG A 456 -15.65 23.75 10.94
C ARG A 456 -16.02 22.73 9.87
N LYS A 457 -15.25 22.69 8.79
CA LYS A 457 -15.57 21.76 7.71
C LYS A 457 -15.44 20.33 8.19
N TRP A 458 -14.46 20.06 9.06
CA TRP A 458 -14.33 18.74 9.63
C TRP A 458 -15.57 18.36 10.43
N LEU A 459 -15.91 19.16 11.46
CA LEU A 459 -17.12 18.91 12.24
C LEU A 459 -18.35 18.81 11.33
N ASP A 460 -18.43 19.66 10.31
CA ASP A 460 -19.62 19.60 9.46
C ASP A 460 -19.61 18.35 8.58
N SER A 461 -18.43 17.90 8.15
CA SER A 461 -18.34 16.74 7.27
C SER A 461 -19.13 15.55 7.75
N PHE A 462 -19.40 15.46 9.05
CA PHE A 462 -20.07 14.30 9.61
C PHE A 462 -21.61 14.37 9.42
S SO4 B . 11.99 5.37 6.11
O1 SO4 B . 10.91 5.92 5.27
O2 SO4 B . 12.55 6.47 6.91
O3 SO4 B . 11.52 4.27 6.96
O4 SO4 B . 13.07 4.89 5.22
#